data_1J6O
#
_entry.id   1J6O
#
_cell.length_a   35.05
_cell.length_b   77.25
_cell.length_c   84.53
_cell.angle_alpha   90
_cell.angle_beta   90
_cell.angle_gamma   90
#
_symmetry.space_group_name_H-M   'P 21 21 21'
#
loop_
_entity.id
_entity.type
_entity.pdbx_description
1 polymer 'TatD-related deoxyribonuclease'
2 non-polymer 'ISOPROPYL ALCOHOL'
3 water water
#
_entity_poly.entity_id   1
_entity_poly.type   'polypeptide(L)'
_entity_poly.pdbx_seq_one_letter_code
;(MSE)GSDKIHHHHHH(MSE)VDTHAHLHFHQFDDDRNAVISSFEENNIEFVVNVGVNLEDSKKSLDLSKTSDRIFCSVG
VHPHDAKEVPEDFIEHLEKFAKDEKVVAIGETGLDFFRNISPAEVQKRVFVEQIELAGKLNLPLVVHIRDAYSEAYEILR
TESLPEKRGVIHAFSSDYEWAKKFIDLGFLLGIGGPVTYPKNEALREVVKRVGLEYIVLETDCPFLPPQPFRGKRNEPKY
LKYVVETISQVLGVPEAKVDEATTENARRIFLEVKE
;
_entity_poly.pdbx_strand_id   A
#
loop_
_chem_comp.id
_chem_comp.type
_chem_comp.name
_chem_comp.formula
IPA non-polymer 'ISOPROPYL ALCOHOL' 'C3 H8 O'
#
# COMPACT_ATOMS: atom_id res chain seq x y z
N HIS A 9 2.48 15.26 -19.64
CA HIS A 9 1.73 14.73 -20.80
C HIS A 9 1.65 13.22 -20.70
N HIS A 10 2.65 12.61 -20.09
CA HIS A 10 2.73 11.14 -19.94
C HIS A 10 1.74 10.39 -19.06
N HIS A 11 1.40 9.18 -19.50
CA HIS A 11 0.47 8.28 -18.80
C HIS A 11 1.30 7.40 -17.87
N HIS A 12 1.74 7.95 -16.73
CA HIS A 12 2.55 7.18 -15.78
C HIS A 12 1.74 6.57 -14.65
N MSE A 13 2.14 5.37 -14.22
CA MSE A 13 1.44 4.71 -13.13
C MSE A 13 2.43 4.48 -12.00
O MSE A 13 3.62 4.35 -12.23
CB MSE A 13 0.89 3.36 -13.58
CG MSE A 13 0.02 3.47 -14.82
SE MSE A 13 -0.45 1.68 -15.28
CE MSE A 13 -1.46 1.37 -13.71
N VAL A 14 1.91 4.43 -10.77
CA VAL A 14 2.76 4.20 -9.61
C VAL A 14 2.18 3.03 -8.84
N ASP A 15 3.00 2.04 -8.48
CA ASP A 15 2.47 0.89 -7.73
C ASP A 15 2.81 1.23 -6.29
N THR A 16 1.80 1.59 -5.49
CA THR A 16 2.06 1.94 -4.07
C THR A 16 2.14 0.77 -3.09
N HIS A 17 2.09 -0.47 -3.58
CA HIS A 17 2.16 -1.59 -2.67
C HIS A 17 2.68 -2.81 -3.38
N ALA A 18 4.00 -3.00 -3.36
CA ALA A 18 4.58 -4.17 -4.03
C ALA A 18 5.44 -5.00 -3.05
N HIS A 19 5.70 -6.27 -3.37
CA HIS A 19 6.54 -7.15 -2.53
C HIS A 19 7.45 -7.85 -3.53
N LEU A 20 8.27 -7.06 -4.21
CA LEU A 20 9.18 -7.60 -5.23
C LEU A 20 10.27 -8.50 -4.70
N HIS A 21 10.49 -8.41 -3.40
CA HIS A 21 11.52 -9.21 -2.75
C HIS A 21 11.03 -10.59 -2.34
N PHE A 22 9.74 -10.89 -2.56
CA PHE A 22 9.20 -12.18 -2.20
C PHE A 22 9.81 -13.22 -3.14
N HIS A 23 9.84 -14.48 -2.68
CA HIS A 23 10.41 -15.54 -3.49
C HIS A 23 9.77 -15.79 -4.86
N GLN A 24 8.52 -15.37 -5.05
CA GLN A 24 7.87 -15.58 -6.33
C GLN A 24 8.57 -14.77 -7.45
N PHE A 25 9.45 -13.86 -7.09
CA PHE A 25 10.16 -13.06 -8.08
C PHE A 25 11.65 -13.45 -8.15
N ASP A 26 12.02 -14.54 -7.48
CA ASP A 26 13.42 -14.96 -7.48
C ASP A 26 14.06 -15.19 -8.84
N ASP A 27 13.31 -15.70 -9.79
CA ASP A 27 13.92 -15.96 -11.09
C ASP A 27 13.99 -14.83 -12.09
N ASP A 28 13.19 -13.78 -11.90
CA ASP A 28 13.19 -12.66 -12.85
C ASP A 28 13.00 -11.23 -12.33
N ARG A 29 13.31 -11.04 -11.05
CA ARG A 29 13.20 -9.76 -10.40
C ARG A 29 13.97 -8.66 -11.17
N ASN A 30 15.19 -8.97 -11.59
CA ASN A 30 15.97 -7.98 -12.34
C ASN A 30 15.25 -7.52 -13.60
N ALA A 31 14.71 -8.48 -14.35
CA ALA A 31 13.99 -8.15 -15.59
C ALA A 31 12.72 -7.34 -15.33
N VAL A 32 12.02 -7.71 -14.27
CA VAL A 32 10.78 -7.03 -13.91
C VAL A 32 11.07 -5.58 -13.56
N ILE A 33 12.10 -5.38 -12.75
CA ILE A 33 12.47 -4.04 -12.34
C ILE A 33 13.06 -3.22 -13.49
N SER A 34 13.96 -3.82 -14.24
CA SER A 34 14.53 -3.06 -15.33
C SER A 34 13.50 -2.71 -16.41
N SER A 35 12.34 -3.36 -16.41
CA SER A 35 11.38 -3.00 -17.44
C SER A 35 10.32 -2.00 -16.97
N PHE A 36 10.50 -1.44 -15.77
CA PHE A 36 9.52 -0.48 -15.27
C PHE A 36 9.29 0.68 -16.22
N GLU A 37 10.38 1.27 -16.70
CA GLU A 37 10.25 2.40 -17.63
C GLU A 37 9.45 2.03 -18.87
N GLU A 38 9.82 0.93 -19.52
CA GLU A 38 9.11 0.52 -20.73
C GLU A 38 7.64 0.29 -20.43
N ASN A 39 7.32 -0.08 -19.19
CA ASN A 39 5.94 -0.32 -18.85
C ASN A 39 5.19 0.84 -18.22
N ASN A 40 5.78 2.03 -18.27
CA ASN A 40 5.20 3.26 -17.71
C ASN A 40 4.98 3.29 -16.21
N ILE A 41 5.83 2.55 -15.50
CA ILE A 41 5.73 2.51 -14.05
C ILE A 41 6.77 3.53 -13.57
N GLU A 42 6.30 4.65 -13.02
CA GLU A 42 7.23 5.69 -12.55
C GLU A 42 8.06 5.28 -11.34
N PHE A 43 7.42 4.63 -10.37
CA PHE A 43 8.12 4.15 -9.18
C PHE A 43 7.20 3.24 -8.45
N VAL A 44 7.75 2.49 -7.51
CA VAL A 44 6.90 1.59 -6.74
C VAL A 44 7.29 1.72 -5.29
N VAL A 45 6.35 1.42 -4.40
CA VAL A 45 6.65 1.49 -2.98
C VAL A 45 6.68 0.00 -2.60
N ASN A 46 7.87 -0.51 -2.27
CA ASN A 46 8.05 -1.91 -1.90
C ASN A 46 7.89 -2.03 -0.40
N VAL A 47 6.94 -2.86 0.01
CA VAL A 47 6.58 -3.08 1.38
C VAL A 47 7.04 -4.32 2.14
N GLY A 48 7.55 -4.10 3.35
CA GLY A 48 8.02 -5.22 4.18
C GLY A 48 6.90 -5.73 5.07
N VAL A 49 6.98 -6.98 5.54
CA VAL A 49 5.91 -7.50 6.41
C VAL A 49 6.34 -7.92 7.83
N ASN A 50 7.64 -7.80 8.11
CA ASN A 50 8.19 -8.14 9.42
C ASN A 50 9.61 -7.61 9.43
N LEU A 51 10.33 -7.77 10.52
CA LEU A 51 11.68 -7.26 10.56
C LEU A 51 12.63 -7.83 9.51
N GLU A 52 12.69 -9.14 9.37
CA GLU A 52 13.59 -9.75 8.39
C GLU A 52 13.19 -9.39 6.96
N ASP A 53 11.89 -9.44 6.71
CA ASP A 53 11.38 -9.12 5.39
C ASP A 53 11.55 -7.64 5.04
N SER A 54 11.41 -6.78 6.05
CA SER A 54 11.58 -5.36 5.79
C SER A 54 13.03 -5.09 5.39
N LYS A 55 13.96 -5.81 6.01
CA LYS A 55 15.41 -5.63 5.68
C LYS A 55 15.63 -6.02 4.20
N LYS A 56 15.00 -7.09 3.75
CA LYS A 56 15.17 -7.53 2.34
C LYS A 56 14.56 -6.50 1.40
N SER A 57 13.42 -5.93 1.81
CA SER A 57 12.75 -4.92 1.00
C SER A 57 13.68 -3.71 0.90
N LEU A 58 14.25 -3.28 2.03
CA LEU A 58 15.14 -2.12 1.98
C LEU A 58 16.35 -2.37 1.10
N ASP A 59 16.94 -3.54 1.24
CA ASP A 59 18.10 -3.86 0.43
C ASP A 59 17.78 -3.84 -1.04
N LEU A 60 16.59 -4.32 -1.39
CA LEU A 60 16.22 -4.32 -2.80
C LEU A 60 15.96 -2.89 -3.31
N SER A 61 15.30 -2.07 -2.50
CA SER A 61 15.00 -0.70 -2.90
C SER A 61 16.28 0.06 -3.19
N LYS A 62 17.34 -0.29 -2.46
CA LYS A 62 18.59 0.40 -2.69
C LYS A 62 19.24 0.08 -4.05
N THR A 63 18.71 -0.90 -4.78
CA THR A 63 19.27 -1.26 -6.08
C THR A 63 18.59 -0.58 -7.29
N SER A 64 17.54 0.17 -7.05
CA SER A 64 16.85 0.81 -8.17
C SER A 64 16.36 2.18 -7.80
N ASP A 65 16.55 3.14 -8.70
CA ASP A 65 16.11 4.47 -8.45
C ASP A 65 14.58 4.57 -8.43
N ARG A 66 13.90 3.55 -8.96
CA ARG A 66 12.44 3.54 -9.01
C ARG A 66 11.72 2.80 -7.90
N ILE A 67 12.50 2.29 -6.94
CA ILE A 67 11.91 1.57 -5.82
C ILE A 67 12.18 2.28 -4.51
N PHE A 68 11.12 2.52 -3.74
CA PHE A 68 11.23 3.15 -2.43
C PHE A 68 10.74 2.06 -1.50
N CYS A 69 10.98 2.23 -0.21
CA CYS A 69 10.60 1.23 0.78
C CYS A 69 9.69 1.61 1.95
N SER A 70 8.91 0.63 2.43
CA SER A 70 8.03 0.84 3.58
C SER A 70 8.47 -0.28 4.50
N VAL A 71 8.70 0.02 5.78
CA VAL A 71 9.11 -1.03 6.72
C VAL A 71 8.07 -1.14 7.82
N GLY A 72 7.84 -2.38 8.25
CA GLY A 72 6.84 -2.61 9.28
C GLY A 72 6.61 -4.09 9.56
N VAL A 73 5.65 -4.32 10.44
CA VAL A 73 5.28 -5.65 10.84
C VAL A 73 3.78 -5.81 10.64
N HIS A 74 3.46 -6.76 9.80
CA HIS A 74 2.09 -7.12 9.43
C HIS A 74 1.34 -7.69 10.65
N PRO A 75 0.03 -7.49 10.72
CA PRO A 75 -0.66 -8.04 11.90
C PRO A 75 -0.49 -9.54 12.09
N HIS A 76 -0.33 -10.30 11.01
CA HIS A 76 -0.16 -11.73 11.16
C HIS A 76 1.09 -12.00 11.99
N ASP A 77 2.11 -11.19 11.80
CA ASP A 77 3.36 -11.34 12.52
C ASP A 77 3.42 -10.61 13.87
N ALA A 78 2.30 -10.06 14.34
CA ALA A 78 2.30 -9.33 15.62
C ALA A 78 2.74 -10.05 16.90
N LYS A 79 2.40 -11.33 17.01
CA LYS A 79 2.77 -12.11 18.18
C LYS A 79 4.24 -12.47 18.15
N GLU A 80 4.90 -12.22 17.02
CA GLU A 80 6.33 -12.52 16.84
C GLU A 80 7.32 -11.37 17.03
N VAL A 81 6.83 -10.16 17.25
CA VAL A 81 7.78 -9.06 17.44
C VAL A 81 8.67 -9.11 18.67
N PRO A 82 9.96 -8.78 18.48
CA PRO A 82 10.94 -8.76 19.55
C PRO A 82 10.63 -7.51 20.36
N GLU A 83 11.12 -7.43 21.58
CA GLU A 83 10.87 -6.28 22.44
C GLU A 83 11.34 -4.95 21.85
N ASP A 84 12.41 -4.99 21.07
CA ASP A 84 12.94 -3.76 20.48
C ASP A 84 12.55 -3.58 19.03
N PHE A 85 11.45 -4.19 18.60
CA PHE A 85 11.05 -4.05 17.20
C PHE A 85 10.85 -2.64 16.65
N ILE A 86 10.33 -1.74 17.47
CA ILE A 86 10.13 -0.37 17.01
C ILE A 86 11.47 0.32 16.78
N GLU A 87 12.44 0.05 17.65
CA GLU A 87 13.76 0.66 17.52
C GLU A 87 14.42 0.14 16.25
N HIS A 88 14.18 -1.13 15.98
CA HIS A 88 14.76 -1.72 14.79
C HIS A 88 14.15 -1.09 13.52
N LEU A 89 12.84 -0.81 13.52
CA LEU A 89 12.20 -0.21 12.34
C LEU A 89 12.70 1.22 12.22
N GLU A 90 12.87 1.89 13.36
CA GLU A 90 13.35 3.25 13.37
C GLU A 90 14.76 3.32 12.77
N LYS A 91 15.57 2.29 13.03
CA LYS A 91 16.93 2.23 12.50
C LYS A 91 16.89 2.08 10.96
N PHE A 92 15.93 1.30 10.48
CA PHE A 92 15.81 1.11 9.04
C PHE A 92 15.43 2.43 8.41
N ALA A 93 14.47 3.10 9.04
CA ALA A 93 13.99 4.37 8.55
C ALA A 93 15.01 5.47 8.47
N LYS A 94 16.22 5.22 8.96
CA LYS A 94 17.24 6.26 8.88
C LYS A 94 17.59 6.36 7.40
N ASP A 95 17.46 5.25 6.67
CA ASP A 95 17.77 5.22 5.23
C ASP A 95 16.76 6.09 4.46
N GLU A 96 17.25 6.96 3.58
CA GLU A 96 16.37 7.83 2.80
C GLU A 96 15.40 7.09 1.87
N LYS A 97 15.71 5.84 1.57
CA LYS A 97 14.84 5.06 0.69
C LYS A 97 13.53 4.67 1.39
N VAL A 98 13.51 4.76 2.72
CA VAL A 98 12.29 4.41 3.49
C VAL A 98 11.35 5.63 3.47
N VAL A 99 10.18 5.44 2.87
CA VAL A 99 9.21 6.51 2.76
C VAL A 99 7.90 6.29 3.50
N ALA A 100 7.81 5.19 4.24
CA ALA A 100 6.58 4.93 4.94
C ALA A 100 6.81 3.83 5.96
N ILE A 101 5.84 3.69 6.85
CA ILE A 101 5.84 2.68 7.90
C ILE A 101 4.64 1.79 7.56
N GLY A 102 4.92 0.49 7.41
CA GLY A 102 3.90 -0.49 7.09
C GLY A 102 4.61 -1.59 6.31
N GLU A 103 3.95 -2.70 6.01
CA GLU A 103 2.56 -2.96 6.34
C GLU A 103 2.24 -3.11 7.82
N THR A 104 1.18 -2.43 8.26
CA THR A 104 0.76 -2.49 9.66
C THR A 104 -0.76 -2.35 9.67
N GLY A 105 -1.41 -2.94 10.67
CA GLY A 105 -2.85 -2.81 10.72
C GLY A 105 -3.48 -3.93 11.51
N LEU A 106 -4.67 -4.33 11.09
CA LEU A 106 -5.43 -5.38 11.75
C LEU A 106 -6.07 -6.33 10.74
N ASP A 107 -6.04 -7.62 11.05
CA ASP A 107 -6.64 -8.63 10.18
C ASP A 107 -7.43 -9.53 11.12
N PHE A 108 -8.73 -9.29 11.22
CA PHE A 108 -9.59 -10.11 12.09
C PHE A 108 -10.27 -11.21 11.30
N PHE A 109 -9.81 -11.41 10.07
CA PHE A 109 -10.38 -12.44 9.24
C PHE A 109 -9.56 -13.70 9.48
N ARG A 110 -8.23 -13.60 9.32
CA ARG A 110 -7.32 -14.75 9.52
C ARG A 110 -6.96 -14.97 10.99
N ASN A 111 -6.81 -13.88 11.73
CA ASN A 111 -6.47 -13.95 13.15
C ASN A 111 -5.32 -14.90 13.51
N ILE A 112 -4.22 -14.74 12.80
CA ILE A 112 -3.04 -15.55 13.03
C ILE A 112 -2.48 -15.08 14.37
N SER A 113 -2.66 -13.78 14.65
CA SER A 113 -2.19 -13.21 15.91
C SER A 113 -3.47 -12.76 16.62
N PRO A 114 -3.50 -12.86 17.95
CA PRO A 114 -4.66 -12.46 18.78
C PRO A 114 -4.94 -10.98 18.56
N ALA A 115 -6.22 -10.61 18.62
CA ALA A 115 -6.63 -9.22 18.41
C ALA A 115 -5.93 -8.18 19.27
N GLU A 116 -5.86 -8.39 20.59
CA GLU A 116 -5.20 -7.36 21.41
C GLU A 116 -3.71 -7.20 21.11
N VAL A 117 -3.07 -8.28 20.68
CA VAL A 117 -1.64 -8.27 20.34
C VAL A 117 -1.54 -7.46 19.03
N GLN A 118 -2.46 -7.69 18.10
CA GLN A 118 -2.42 -6.95 16.82
C GLN A 118 -2.58 -5.45 17.10
N LYS A 119 -3.57 -5.14 17.94
CA LYS A 119 -3.83 -3.76 18.30
C LYS A 119 -2.62 -3.06 18.90
N ARG A 120 -1.90 -3.70 19.83
CA ARG A 120 -0.75 -3.01 20.40
C ARG A 120 0.39 -2.77 19.40
N VAL A 121 0.65 -3.76 18.56
CA VAL A 121 1.70 -3.67 17.54
C VAL A 121 1.35 -2.59 16.50
N PHE A 122 0.07 -2.48 16.18
CA PHE A 122 -0.43 -1.50 15.21
C PHE A 122 -0.28 -0.11 15.85
N VAL A 123 -0.71 0.01 17.09
CA VAL A 123 -0.60 1.29 17.77
C VAL A 123 0.86 1.74 17.87
N GLU A 124 1.75 0.83 18.17
CA GLU A 124 3.15 1.20 18.27
C GLU A 124 3.75 1.68 16.96
N GLN A 125 3.28 1.15 15.84
CA GLN A 125 3.83 1.57 14.54
C GLN A 125 3.22 2.92 14.13
N ILE A 126 1.95 3.13 14.50
CA ILE A 126 1.29 4.38 14.19
C ILE A 126 2.09 5.44 14.97
N GLU A 127 2.43 5.14 16.22
CA GLU A 127 3.20 6.10 17.03
C GLU A 127 4.57 6.37 16.42
N LEU A 128 5.19 5.34 15.88
CA LEU A 128 6.51 5.55 15.27
C LEU A 128 6.37 6.44 14.02
N ALA A 129 5.35 6.18 13.20
CA ALA A 129 5.15 6.98 11.99
C ALA A 129 4.92 8.47 12.38
N GLY A 130 4.18 8.70 13.46
CA GLY A 130 3.93 10.06 13.90
C GLY A 130 5.25 10.71 14.27
N LYS A 131 6.07 9.98 15.03
CA LYS A 131 7.36 10.49 15.44
C LYS A 131 8.29 10.86 14.28
N LEU A 132 8.36 9.96 13.29
CA LEU A 132 9.21 10.18 12.12
C LEU A 132 8.55 11.00 11.02
N ASN A 133 7.27 11.28 11.19
CA ASN A 133 6.50 12.04 10.24
C ASN A 133 6.44 11.32 8.89
N LEU A 134 6.35 10.00 8.93
CA LEU A 134 6.27 9.18 7.71
C LEU A 134 4.81 8.70 7.56
N PRO A 135 4.31 8.60 6.32
CA PRO A 135 2.95 8.14 6.07
C PRO A 135 2.84 6.66 6.40
N LEU A 136 1.64 6.22 6.70
CA LEU A 136 1.40 4.83 7.03
C LEU A 136 0.82 4.07 5.86
N VAL A 137 1.23 2.80 5.72
CA VAL A 137 0.75 1.92 4.67
C VAL A 137 -0.05 0.96 5.57
N VAL A 138 -1.37 1.12 5.59
CA VAL A 138 -2.27 0.32 6.42
C VAL A 138 -3.01 -0.82 5.79
N HIS A 139 -3.02 -1.94 6.51
CA HIS A 139 -3.69 -3.15 6.05
C HIS A 139 -4.87 -3.37 6.98
N ILE A 140 -6.08 -3.48 6.42
CA ILE A 140 -7.26 -3.71 7.27
C ILE A 140 -8.13 -4.79 6.62
N ARG A 141 -8.41 -5.86 7.36
CA ARG A 141 -9.23 -6.96 6.85
C ARG A 141 -10.31 -7.21 7.94
N ASP A 142 -11.58 -6.97 7.59
CA ASP A 142 -12.69 -7.16 8.52
C ASP A 142 -12.45 -6.52 9.90
N ALA A 143 -11.87 -5.33 9.90
CA ALA A 143 -11.59 -4.62 11.15
C ALA A 143 -11.62 -3.12 10.93
N TYR A 144 -12.42 -2.67 9.97
CA TYR A 144 -12.50 -1.23 9.71
C TYR A 144 -12.92 -0.40 10.90
N SER A 145 -13.96 -0.82 11.63
CA SER A 145 -14.39 -0.06 12.78
C SER A 145 -13.29 -0.01 13.84
N GLU A 146 -12.64 -1.13 14.08
CA GLU A 146 -11.59 -1.18 15.08
C GLU A 146 -10.36 -0.35 14.70
N ALA A 147 -9.98 -0.42 13.43
CA ALA A 147 -8.83 0.32 12.96
C ALA A 147 -9.18 1.81 13.02
N TYR A 148 -10.39 2.17 12.58
CA TYR A 148 -10.80 3.57 12.59
C TYR A 148 -10.66 4.15 14.01
N GLU A 149 -11.23 3.47 14.99
CA GLU A 149 -11.16 3.92 16.38
C GLU A 149 -9.71 4.17 16.80
N ILE A 150 -8.82 3.23 16.47
CA ILE A 150 -7.42 3.37 16.83
C ILE A 150 -6.74 4.56 16.15
N LEU A 151 -6.91 4.67 14.84
CA LEU A 151 -6.30 5.77 14.10
C LEU A 151 -6.76 7.16 14.56
N ARG A 152 -8.07 7.32 14.72
CA ARG A 152 -8.59 8.61 15.15
C ARG A 152 -8.18 8.92 16.58
N THR A 153 -7.78 7.90 17.32
CA THR A 153 -7.37 8.09 18.71
C THR A 153 -6.05 8.84 18.87
N GLU A 154 -5.09 8.64 17.98
CA GLU A 154 -3.87 9.38 18.20
C GLU A 154 -3.33 10.37 17.19
N SER A 155 -2.13 10.86 17.50
CA SER A 155 -1.40 11.83 16.71
C SER A 155 -0.81 11.22 15.44
N LEU A 156 -1.54 11.37 14.33
CA LEU A 156 -1.09 10.84 13.04
C LEU A 156 -0.10 11.73 12.31
N PRO A 157 0.71 11.14 11.42
CA PRO A 157 1.68 11.91 10.66
C PRO A 157 0.91 12.88 9.76
N GLU A 158 1.56 14.00 9.39
CA GLU A 158 0.97 15.03 8.53
C GLU A 158 0.27 14.35 7.36
N LYS A 159 1.04 13.58 6.60
CA LYS A 159 0.51 12.85 5.45
C LYS A 159 0.10 11.53 6.11
N ARG A 160 -1.17 11.36 6.40
CA ARG A 160 -1.66 10.15 7.05
C ARG A 160 -1.21 8.86 6.37
N GLY A 161 -1.49 8.76 5.07
CA GLY A 161 -1.09 7.56 4.35
C GLY A 161 -2.15 6.95 3.45
N VAL A 162 -2.09 5.62 3.35
CA VAL A 162 -3.02 4.89 2.53
C VAL A 162 -3.56 3.65 3.20
N ILE A 163 -4.84 3.37 2.97
CA ILE A 163 -5.48 2.17 3.53
C ILE A 163 -5.36 1.33 2.25
N HIS A 164 -4.39 0.45 2.24
CA HIS A 164 -4.17 -0.37 1.07
C HIS A 164 -5.23 -1.46 0.80
N ALA A 165 -5.41 -1.80 -0.47
CA ALA A 165 -6.38 -2.83 -0.88
C ALA A 165 -7.69 -2.59 -0.14
N PHE A 166 -8.15 -1.34 -0.17
CA PHE A 166 -9.40 -0.97 0.51
C PHE A 166 -10.50 -1.97 0.15
N SER A 167 -11.12 -2.53 1.17
CA SER A 167 -12.16 -3.51 0.95
C SER A 167 -13.48 -3.34 1.68
N SER A 168 -13.86 -2.10 1.99
CA SER A 168 -15.13 -1.90 2.67
C SER A 168 -16.09 -1.17 1.74
N ASP A 169 -17.14 -0.57 2.29
CA ASP A 169 -18.10 0.14 1.44
C ASP A 169 -17.88 1.64 1.45
N TYR A 170 -18.74 2.35 0.73
CA TYR A 170 -18.60 3.81 0.67
C TYR A 170 -18.60 4.50 2.02
N GLU A 171 -19.50 4.11 2.92
CA GLU A 171 -19.54 4.76 4.22
C GLU A 171 -18.19 4.72 4.94
N TRP A 172 -17.54 3.57 4.93
CA TRP A 172 -16.24 3.43 5.60
C TRP A 172 -15.18 4.19 4.80
N ALA A 173 -15.31 4.16 3.48
CA ALA A 173 -14.35 4.86 2.63
C ALA A 173 -14.36 6.33 3.01
N LYS A 174 -15.55 6.89 3.12
CA LYS A 174 -15.68 8.29 3.48
C LYS A 174 -15.08 8.57 4.85
N LYS A 175 -15.30 7.68 5.80
CA LYS A 175 -14.75 7.89 7.14
C LYS A 175 -13.23 7.98 7.13
N PHE A 176 -12.59 7.11 6.36
CA PHE A 176 -11.14 7.13 6.30
C PHE A 176 -10.63 8.30 5.47
N ILE A 177 -11.33 8.60 4.39
CA ILE A 177 -10.91 9.73 3.57
C ILE A 177 -10.99 10.98 4.45
N ASP A 178 -12.06 11.08 5.25
CA ASP A 178 -12.18 12.24 6.12
C ASP A 178 -11.08 12.33 7.15
N LEU A 179 -10.50 11.19 7.52
CA LEU A 179 -9.43 11.17 8.51
C LEU A 179 -8.13 11.63 7.83
N GLY A 180 -8.15 11.64 6.50
CA GLY A 180 -6.96 12.06 5.77
C GLY A 180 -6.20 10.99 4.99
N PHE A 181 -6.75 9.79 4.93
CA PHE A 181 -6.09 8.71 4.20
C PHE A 181 -6.59 8.64 2.80
N LEU A 182 -5.80 8.00 1.93
CA LEU A 182 -6.17 7.81 0.54
C LEU A 182 -6.45 6.30 0.54
N LEU A 183 -7.15 5.81 -0.48
CA LEU A 183 -7.48 4.39 -0.59
C LEU A 183 -6.78 3.69 -1.76
N GLY A 184 -6.18 2.54 -1.45
CA GLY A 184 -5.47 1.78 -2.46
C GLY A 184 -6.40 0.83 -3.19
N ILE A 185 -6.40 0.97 -4.52
CA ILE A 185 -7.24 0.17 -5.41
C ILE A 185 -6.31 -0.69 -6.26
N GLY A 186 -6.55 -1.99 -6.25
CA GLY A 186 -5.73 -2.88 -7.03
C GLY A 186 -6.49 -3.85 -7.91
N GLY A 187 -5.85 -5.01 -8.14
CA GLY A 187 -6.40 -6.07 -8.97
C GLY A 187 -7.89 -6.38 -8.85
N PRO A 188 -8.41 -6.59 -7.64
CA PRO A 188 -9.82 -6.91 -7.40
C PRO A 188 -10.87 -5.97 -8.02
N VAL A 189 -10.48 -4.74 -8.30
CA VAL A 189 -11.42 -3.79 -8.90
C VAL A 189 -11.87 -4.29 -10.30
N THR A 190 -11.07 -5.16 -10.90
CA THR A 190 -11.37 -5.69 -12.23
C THR A 190 -12.19 -7.00 -12.20
N TYR A 191 -12.41 -7.55 -11.01
CA TYR A 191 -13.16 -8.80 -10.87
C TYR A 191 -14.64 -8.62 -11.16
N PRO A 192 -15.18 -9.41 -12.10
CA PRO A 192 -16.61 -9.23 -12.40
C PRO A 192 -17.49 -9.28 -11.17
N LYS A 193 -17.13 -10.11 -10.21
CA LYS A 193 -17.88 -10.26 -8.97
C LYS A 193 -17.85 -9.07 -8.04
N ASN A 194 -16.78 -8.28 -8.11
CA ASN A 194 -16.65 -7.10 -7.24
C ASN A 194 -17.38 -5.84 -7.64
N GLU A 195 -18.69 -5.97 -7.80
CA GLU A 195 -19.55 -4.85 -8.18
C GLU A 195 -19.47 -3.77 -7.11
N ALA A 196 -19.44 -4.20 -5.85
CA ALA A 196 -19.36 -3.25 -4.74
C ALA A 196 -18.17 -2.30 -4.79
N LEU A 197 -16.97 -2.88 -4.94
CA LEU A 197 -15.77 -2.06 -4.99
C LEU A 197 -15.85 -1.01 -6.11
N ARG A 198 -16.30 -1.42 -7.28
CA ARG A 198 -16.41 -0.49 -8.40
C ARG A 198 -17.34 0.67 -8.05
N GLU A 199 -18.44 0.36 -7.36
CA GLU A 199 -19.38 1.42 -7.00
C GLU A 199 -18.68 2.39 -6.03
N VAL A 200 -17.81 1.86 -5.17
CA VAL A 200 -17.07 2.70 -4.21
C VAL A 200 -16.13 3.64 -4.95
N VAL A 201 -15.41 3.09 -5.92
CA VAL A 201 -14.49 3.90 -6.70
C VAL A 201 -15.29 5.00 -7.40
N LYS A 202 -16.47 4.64 -7.89
CA LYS A 202 -17.32 5.60 -8.58
C LYS A 202 -17.74 6.79 -7.70
N ARG A 203 -18.07 6.48 -6.45
CA ARG A 203 -18.49 7.50 -5.47
C ARG A 203 -17.36 8.35 -4.92
N VAL A 204 -16.20 7.72 -4.71
CA VAL A 204 -15.05 8.44 -4.16
C VAL A 204 -14.31 9.34 -5.15
N GLY A 205 -14.11 8.86 -6.36
CA GLY A 205 -13.41 9.69 -7.31
C GLY A 205 -11.90 9.63 -7.24
N LEU A 206 -11.24 10.25 -8.21
CA LEU A 206 -9.80 10.27 -8.29
C LEU A 206 -8.99 11.04 -7.25
N GLU A 207 -9.59 11.98 -6.54
CA GLU A 207 -8.84 12.73 -5.56
C GLU A 207 -8.42 11.90 -4.35
N TYR A 208 -9.05 10.75 -4.15
CA TYR A 208 -8.71 9.94 -2.99
C TYR A 208 -8.18 8.54 -3.21
N ILE A 209 -7.68 8.24 -4.39
CA ILE A 209 -7.18 6.90 -4.61
C ILE A 209 -5.79 6.80 -5.22
N VAL A 210 -5.10 5.69 -4.92
CA VAL A 210 -3.78 5.45 -5.47
C VAL A 210 -3.90 4.02 -5.98
N LEU A 211 -3.02 3.64 -6.92
CA LEU A 211 -3.07 2.29 -7.47
C LEU A 211 -2.09 1.38 -6.75
N GLU A 212 -2.32 0.09 -6.82
CA GLU A 212 -1.42 -0.84 -6.19
C GLU A 212 -1.65 -2.21 -6.82
N THR A 213 -0.66 -3.09 -6.69
CA THR A 213 -0.80 -4.43 -7.22
C THR A 213 -0.77 -5.42 -6.08
N ASP A 214 -0.04 -5.11 -5.01
CA ASP A 214 0.09 -6.00 -3.87
C ASP A 214 0.79 -7.25 -4.46
N CYS A 215 1.55 -7.07 -5.54
CA CYS A 215 2.24 -8.23 -6.15
C CYS A 215 3.12 -8.94 -5.11
N PRO A 216 3.26 -10.27 -5.21
CA PRO A 216 2.68 -11.15 -6.23
C PRO A 216 1.22 -11.51 -6.09
N PHE A 217 0.55 -10.97 -5.08
CA PHE A 217 -0.86 -11.30 -4.87
C PHE A 217 -1.93 -10.57 -5.73
N LEU A 218 -3.13 -11.14 -5.73
CA LEU A 218 -4.29 -10.58 -6.42
C LEU A 218 -4.12 -9.95 -7.80
N PRO A 219 -3.86 -10.76 -8.81
CA PRO A 219 -3.66 -10.33 -10.20
C PRO A 219 -4.98 -9.82 -10.76
N PRO A 220 -4.94 -8.91 -11.75
CA PRO A 220 -6.22 -8.42 -12.30
C PRO A 220 -6.84 -9.53 -13.15
N GLN A 221 -8.15 -9.41 -13.38
CA GLN A 221 -8.93 -10.38 -14.16
C GLN A 221 -8.30 -11.17 -15.29
N PRO A 222 -7.73 -10.48 -16.29
CA PRO A 222 -7.13 -11.27 -17.38
C PRO A 222 -6.01 -12.20 -16.96
N PHE A 223 -5.55 -12.07 -15.73
CA PHE A 223 -4.47 -12.93 -15.26
C PHE A 223 -4.76 -13.70 -13.98
N ARG A 224 -6.02 -14.08 -13.75
CA ARG A 224 -6.30 -14.82 -12.53
C ARG A 224 -5.47 -16.10 -12.60
N GLY A 225 -5.00 -16.55 -11.43
CA GLY A 225 -4.19 -17.74 -11.37
C GLY A 225 -2.74 -17.51 -11.74
N LYS A 226 -2.34 -16.27 -11.99
CA LYS A 226 -0.95 -15.97 -12.36
C LYS A 226 -0.34 -15.05 -11.33
N ARG A 227 1.00 -15.03 -11.29
CA ARG A 227 1.70 -14.16 -10.34
C ARG A 227 1.38 -12.74 -10.78
N ASN A 228 1.10 -11.86 -9.84
CA ASN A 228 0.79 -10.46 -10.21
C ASN A 228 2.12 -9.70 -10.23
N GLU A 229 2.18 -8.62 -11.01
CA GLU A 229 3.40 -7.80 -11.10
C GLU A 229 2.97 -6.40 -11.52
N PRO A 230 3.85 -5.38 -11.30
CA PRO A 230 3.57 -3.99 -11.61
C PRO A 230 3.02 -3.65 -12.99
N LYS A 231 3.55 -4.25 -14.05
CA LYS A 231 3.01 -3.91 -15.37
C LYS A 231 1.54 -4.26 -15.58
N TYR A 232 0.97 -5.11 -14.72
CA TYR A 232 -0.43 -5.46 -14.89
C TYR A 232 -1.30 -4.37 -14.31
N LEU A 233 -0.68 -3.33 -13.78
CA LEU A 233 -1.44 -2.24 -13.21
C LEU A 233 -2.30 -1.57 -14.30
N LYS A 234 -1.89 -1.70 -15.56
CA LYS A 234 -2.66 -1.09 -16.64
C LYS A 234 -4.15 -1.49 -16.68
N TYR A 235 -4.43 -2.73 -16.31
CA TYR A 235 -5.79 -3.24 -16.29
C TYR A 235 -6.61 -2.61 -15.20
N VAL A 236 -5.92 -2.25 -14.10
CA VAL A 236 -6.61 -1.62 -12.97
C VAL A 236 -7.00 -0.21 -13.40
N VAL A 237 -6.09 0.47 -14.08
CA VAL A 237 -6.36 1.82 -14.55
C VAL A 237 -7.51 1.77 -15.57
N GLU A 238 -7.45 0.79 -16.48
CA GLU A 238 -8.47 0.64 -17.50
C GLU A 238 -9.85 0.56 -16.85
N THR A 239 -10.00 -0.34 -15.89
CA THR A 239 -11.29 -0.47 -15.22
C THR A 239 -11.70 0.83 -14.52
N ILE A 240 -10.78 1.44 -13.78
CA ILE A 240 -11.11 2.69 -13.09
C ILE A 240 -11.59 3.75 -14.07
N SER A 241 -10.89 3.86 -15.19
CA SER A 241 -11.27 4.86 -16.19
C SER A 241 -12.67 4.56 -16.76
N GLN A 242 -12.97 3.29 -16.96
CA GLN A 242 -14.27 2.94 -17.50
C GLN A 242 -15.38 3.20 -16.49
N VAL A 243 -15.14 2.84 -15.24
CA VAL A 243 -16.16 3.05 -14.22
C VAL A 243 -16.43 4.54 -13.96
N LEU A 244 -15.40 5.37 -14.11
CA LEU A 244 -15.55 6.80 -13.88
C LEU A 244 -15.88 7.57 -15.13
N GLY A 245 -15.84 6.90 -16.27
CA GLY A 245 -16.12 7.55 -17.53
C GLY A 245 -15.11 8.64 -17.86
N VAL A 246 -13.82 8.40 -17.59
CA VAL A 246 -12.80 9.40 -17.89
C VAL A 246 -11.60 8.78 -18.64
N PRO A 247 -10.78 9.61 -19.30
CA PRO A 247 -9.64 9.04 -20.02
C PRO A 247 -8.65 8.33 -19.07
N GLU A 248 -7.92 7.34 -19.57
CA GLU A 248 -6.96 6.63 -18.73
C GLU A 248 -5.88 7.63 -18.32
N ALA A 249 -5.65 8.63 -19.15
CA ALA A 249 -4.66 9.63 -18.85
C ALA A 249 -5.06 10.36 -17.57
N LYS A 250 -6.38 10.52 -17.35
CA LYS A 250 -6.83 11.22 -16.15
C LYS A 250 -6.62 10.40 -14.90
N VAL A 251 -6.82 9.09 -15.02
CA VAL A 251 -6.63 8.22 -13.87
C VAL A 251 -5.14 8.18 -13.51
N ASP A 252 -4.30 8.03 -14.53
CA ASP A 252 -2.85 7.97 -14.32
C ASP A 252 -2.30 9.24 -13.71
N GLU A 253 -2.68 10.39 -14.25
CA GLU A 253 -2.18 11.64 -13.73
C GLU A 253 -2.53 11.85 -12.28
N ALA A 254 -3.81 11.72 -11.98
CA ALA A 254 -4.33 11.90 -10.65
C ALA A 254 -3.73 10.92 -9.62
N THR A 255 -3.73 9.64 -9.92
CA THR A 255 -3.19 8.68 -8.94
C THR A 255 -1.68 8.83 -8.73
N THR A 256 -0.97 9.13 -9.81
CA THR A 256 0.47 9.30 -9.71
C THR A 256 0.78 10.56 -8.87
N GLU A 257 0.03 11.65 -9.11
CA GLU A 257 0.25 12.88 -8.35
C GLU A 257 -0.04 12.56 -6.87
N ASN A 258 -1.13 11.84 -6.64
CA ASN A 258 -1.47 11.48 -5.26
C ASN A 258 -0.35 10.67 -4.61
N ALA A 259 0.17 9.69 -5.33
CA ALA A 259 1.24 8.86 -4.81
C ALA A 259 2.53 9.64 -4.60
N ARG A 260 2.83 10.55 -5.52
CA ARG A 260 4.05 11.37 -5.41
C ARG A 260 3.96 12.25 -4.16
N ARG A 261 2.81 12.87 -3.98
CA ARG A 261 2.63 13.74 -2.83
C ARG A 261 2.76 13.02 -1.50
N ILE A 262 2.15 11.85 -1.41
CA ILE A 262 2.20 11.08 -0.16
C ILE A 262 3.55 10.51 0.22
N PHE A 263 4.16 9.83 -0.73
CA PHE A 263 5.44 9.20 -0.50
C PHE A 263 6.72 9.92 -0.82
N LEU A 264 6.71 10.75 -1.84
CA LEU A 264 7.96 11.44 -2.18
C LEU A 264 8.21 12.85 -1.74
N GLU A 265 7.19 13.57 -1.34
CA GLU A 265 7.41 14.94 -0.92
C GLU A 265 8.27 14.96 0.34
N VAL A 266 9.24 15.87 0.37
CA VAL A 266 10.11 15.97 1.52
C VAL A 266 9.24 16.38 2.73
N LYS A 267 9.34 15.63 3.82
CA LYS A 267 8.55 15.94 5.01
C LYS A 267 9.42 16.48 6.16
N GLU A 268 8.83 17.36 6.98
CA GLU A 268 9.56 17.93 8.10
C GLU A 268 10.10 16.77 8.94
C1 IPA B . 18.09 15.16 8.51
C2 IPA B . 18.72 13.81 8.55
C3 IPA B . 19.98 14.02 9.37
O2 IPA B . 19.20 13.35 7.24
#